data_1LDD
#
_entry.id   1LDD
#
_cell.length_a   54.7
_cell.length_b   72.9
_cell.length_c   79.8
_cell.angle_alpha   90
_cell.angle_beta   90
_cell.angle_gamma   90
#
_symmetry.space_group_name_H-M   'P 21 21 21'
#
_entity_poly.entity_id   1
_entity_poly.type   'polypeptide(L)'
_entity_poly.pdbx_seq_one_letter_code
;KYELTLQRSLPFIEGMLTNLGAMKLHKIHSFLKITVPKDWGYNRITLQQLEGYLNTLADEGRLKYIANGSYEIV
;
_entity_poly.pdbx_strand_id   A,B,C,D
#
# COMPACT_ATOMS: atom_id res chain seq x y z
N LYS A 1 -14.24 12.78 -11.65
CA LYS A 1 -14.86 13.96 -12.31
C LYS A 1 -15.43 14.96 -11.31
N TYR A 2 -15.96 14.47 -10.20
CA TYR A 2 -16.52 15.37 -9.21
C TYR A 2 -15.80 15.52 -7.88
N GLU A 3 -16.29 16.48 -7.15
CA GLU A 3 -15.74 16.85 -5.88
C GLU A 3 -16.01 15.83 -4.80
N LEU A 4 -17.07 15.04 -4.91
CA LEU A 4 -17.29 14.05 -3.88
C LEU A 4 -16.15 13.03 -3.98
N THR A 5 -15.78 12.67 -5.20
CA THR A 5 -14.69 11.72 -5.38
C THR A 5 -13.41 12.32 -4.84
N LEU A 6 -13.16 13.58 -5.16
CA LEU A 6 -11.97 14.27 -4.66
C LEU A 6 -12.02 14.32 -3.14
N GLN A 7 -13.20 14.60 -2.59
CA GLN A 7 -13.40 14.68 -1.16
C GLN A 7 -13.08 13.33 -0.50
N ARG A 8 -13.52 12.25 -1.13
CA ARG A 8 -13.24 10.93 -0.60
C ARG A 8 -11.76 10.58 -0.65
N SER A 9 -11.03 11.18 -1.58
CA SER A 9 -9.62 10.85 -1.70
C SER A 9 -8.71 11.76 -0.90
N LEU A 10 -9.28 12.75 -0.21
CA LEU A 10 -8.47 13.68 0.58
C LEU A 10 -7.57 12.95 1.59
N PRO A 11 -8.12 11.94 2.31
CA PRO A 11 -7.29 11.22 3.30
C PRO A 11 -6.09 10.52 2.68
N PHE A 12 -6.20 10.08 1.42
CA PHE A 12 -5.05 9.41 0.80
C PHE A 12 -4.04 10.43 0.31
N ILE A 13 -4.52 11.60 -0.11
CA ILE A 13 -3.62 12.67 -0.53
C ILE A 13 -2.83 13.10 0.70
N GLU A 14 -3.52 13.27 1.81
CA GLU A 14 -2.85 13.66 3.06
C GLU A 14 -1.82 12.62 3.51
N GLY A 15 -2.23 11.35 3.59
CA GLY A 15 -1.31 10.29 4.03
C GLY A 15 -0.08 10.18 3.14
N MET A 16 -0.32 10.21 1.84
CA MET A 16 0.73 10.15 0.84
C MET A 16 1.76 11.26 1.12
N LEU A 17 1.27 12.48 1.22
CA LEU A 17 2.14 13.62 1.48
C LEU A 17 2.77 13.56 2.86
N THR A 18 2.09 12.91 3.80
CA THR A 18 2.64 12.78 5.14
C THR A 18 3.78 11.76 5.14
N ASN A 19 3.56 10.60 4.53
CA ASN A 19 4.60 9.58 4.48
C ASN A 19 5.83 9.92 3.62
N LEU A 20 5.59 10.49 2.45
CA LEU A 20 6.65 10.79 1.49
C LEU A 20 7.20 12.21 1.38
N GLY A 21 6.55 13.17 2.04
CA GLY A 21 7.03 14.53 1.91
C GLY A 21 6.41 15.14 0.68
N ALA A 22 6.85 16.34 0.33
CA ALA A 22 6.30 17.07 -0.81
C ALA A 22 6.36 16.29 -2.12
N MET A 23 5.26 16.32 -2.88
CA MET A 23 5.18 15.61 -4.15
C MET A 23 4.68 16.46 -5.30
N LYS A 24 5.07 16.07 -6.49
CA LYS A 24 4.63 16.75 -7.68
C LYS A 24 3.28 16.25 -8.14
N LEU A 25 2.53 17.18 -8.73
CA LEU A 25 1.19 16.94 -9.21
C LEU A 25 1.03 15.59 -9.89
N HIS A 26 1.78 15.36 -10.96
CA HIS A 26 1.63 14.11 -11.69
C HIS A 26 1.92 12.85 -10.88
N LYS A 27 2.79 12.95 -9.87
CA LYS A 27 3.07 11.76 -9.07
C LYS A 27 1.89 11.53 -8.12
N ILE A 28 1.33 12.61 -7.60
CA ILE A 28 0.17 12.50 -6.71
C ILE A 28 -0.96 11.82 -7.49
N HIS A 29 -1.13 12.24 -8.74
CA HIS A 29 -2.21 11.70 -9.58
C HIS A 29 -2.03 10.21 -9.84
N SER A 30 -0.82 9.82 -10.20
CA SER A 30 -0.55 8.43 -10.46
C SER A 30 -0.76 7.60 -9.19
N PHE A 31 -0.29 8.11 -8.06
CA PHE A 31 -0.40 7.37 -6.81
C PHE A 31 -1.85 7.20 -6.35
N LEU A 32 -2.67 8.24 -6.57
CA LEU A 32 -4.07 8.17 -6.22
C LEU A 32 -4.74 7.07 -7.06
N LYS A 33 -4.38 6.99 -8.35
CA LYS A 33 -4.98 5.97 -9.22
C LYS A 33 -4.85 4.56 -8.66
N ILE A 34 -3.77 4.29 -7.93
CA ILE A 34 -3.61 2.96 -7.39
C ILE A 34 -4.01 2.84 -5.92
N THR A 35 -3.90 3.92 -5.16
CA THR A 35 -4.27 3.83 -3.73
C THR A 35 -5.74 4.01 -3.37
N VAL A 36 -6.45 4.89 -4.08
CA VAL A 36 -7.88 5.10 -3.79
C VAL A 36 -8.65 3.88 -4.28
N PRO A 37 -9.46 3.24 -3.41
CA PRO A 37 -10.21 2.06 -3.87
C PRO A 37 -10.99 2.37 -5.14
N LYS A 38 -10.85 1.47 -6.13
CA LYS A 38 -11.50 1.63 -7.44
C LYS A 38 -12.96 1.92 -7.42
N ASP A 39 -13.67 1.42 -6.40
CA ASP A 39 -15.10 1.61 -6.31
C ASP A 39 -15.49 3.04 -6.02
N TRP A 40 -14.55 3.83 -5.51
CA TRP A 40 -14.85 5.23 -5.20
C TRP A 40 -14.49 6.03 -6.40
N GLY A 41 -13.96 5.32 -7.37
CA GLY A 41 -13.56 5.93 -8.60
C GLY A 41 -12.15 6.47 -8.47
N TYR A 42 -12.04 7.68 -8.97
CA TYR A 42 -10.83 8.48 -9.07
C TYR A 42 -10.37 8.26 -10.50
N ASN A 43 -10.62 7.05 -10.99
CA ASN A 43 -10.26 6.68 -12.36
C ASN A 43 -10.84 7.67 -13.35
N ARG A 44 -11.93 8.34 -12.99
CA ARG A 44 -12.53 9.30 -13.88
C ARG A 44 -11.93 10.71 -13.75
N ILE A 45 -11.25 10.99 -12.63
CA ILE A 45 -10.64 12.29 -12.40
C ILE A 45 -9.47 12.62 -13.33
N THR A 46 -9.45 13.84 -13.85
CA THR A 46 -8.39 14.29 -14.75
C THR A 46 -7.37 15.07 -13.97
N LEU A 47 -6.19 15.25 -14.53
CA LEU A 47 -5.21 15.97 -13.78
C LEU A 47 -5.57 17.43 -13.60
N GLN A 48 -6.46 17.97 -14.41
CA GLN A 48 -6.78 19.39 -14.20
C GLN A 48 -7.82 19.52 -13.09
N GLN A 49 -8.60 18.48 -12.86
CA GLN A 49 -9.55 18.48 -11.76
C GLN A 49 -8.70 18.33 -10.50
N LEU A 50 -7.69 17.45 -10.53
CA LEU A 50 -6.84 17.28 -9.34
C LEU A 50 -6.13 18.57 -8.98
N GLU A 51 -5.53 19.21 -10.00
CA GLU A 51 -4.81 20.46 -9.78
C GLU A 51 -5.69 21.54 -9.16
N GLY A 52 -6.93 21.65 -9.64
CA GLY A 52 -7.85 22.64 -9.10
C GLY A 52 -8.18 22.33 -7.65
N TYR A 53 -8.35 21.05 -7.35
CA TYR A 53 -8.66 20.62 -6.00
C TYR A 53 -7.50 20.88 -5.04
N LEU A 54 -6.29 20.54 -5.48
CA LEU A 54 -5.12 20.77 -4.63
C LEU A 54 -4.90 22.25 -4.36
N ASN A 55 -5.11 23.08 -5.36
CA ASN A 55 -4.93 24.53 -5.19
C ASN A 55 -5.95 25.06 -4.19
N THR A 56 -7.12 24.45 -4.16
CA THR A 56 -8.15 24.88 -3.21
C THR A 56 -7.69 24.50 -1.82
N LEU A 57 -7.05 23.34 -1.71
CA LEU A 57 -6.57 22.90 -0.41
C LEU A 57 -5.42 23.80 0.01
N ALA A 58 -4.67 24.28 -0.99
CA ALA A 58 -3.54 25.15 -0.72
C ALA A 58 -4.05 26.53 -0.30
N ASP A 59 -5.15 26.96 -0.94
CA ASP A 59 -5.80 28.25 -0.65
C ASP A 59 -6.34 28.29 0.76
N GLU A 60 -6.88 27.18 1.20
CA GLU A 60 -7.29 27.10 2.57
C GLU A 60 -5.86 27.02 3.13
N GLY A 61 -5.61 26.37 4.25
CA GLY A 61 -4.22 26.32 4.71
C GLY A 61 -3.79 24.89 4.96
N ARG A 62 -4.49 23.98 4.31
CA ARG A 62 -4.28 22.55 4.44
C ARG A 62 -3.01 22.07 3.74
N LEU A 63 -2.71 22.66 2.59
CA LEU A 63 -1.51 22.29 1.85
C LEU A 63 -0.64 23.51 1.58
N LYS A 64 0.63 23.27 1.32
CA LYS A 64 1.52 24.36 1.02
C LYS A 64 2.05 24.07 -0.38
N TYR A 65 1.90 25.04 -1.27
CA TYR A 65 2.37 24.80 -2.59
C TYR A 65 3.86 24.48 -2.54
N ILE A 66 4.69 25.50 -2.70
CA ILE A 66 6.15 25.35 -2.69
C ILE A 66 6.72 25.45 -4.11
N ALA A 67 7.27 26.61 -4.42
CA ALA A 67 7.85 26.90 -5.72
C ALA A 67 8.43 25.69 -6.44
N ASN A 68 8.39 25.74 -7.77
CA ASN A 68 8.90 24.69 -8.64
C ASN A 68 7.89 23.60 -8.95
N GLY A 69 6.80 23.56 -8.19
CA GLY A 69 5.76 22.59 -8.48
C GLY A 69 5.39 21.44 -7.58
N SER A 70 5.73 21.48 -6.29
CA SER A 70 5.35 20.35 -5.43
C SER A 70 4.42 20.81 -4.32
N TYR A 71 3.58 19.92 -3.81
CA TYR A 71 2.68 20.24 -2.70
C TYR A 71 3.10 19.47 -1.46
N GLU A 72 3.21 20.19 -0.36
CA GLU A 72 3.61 19.63 0.91
C GLU A 72 2.43 19.81 1.88
N ILE A 73 2.25 18.89 2.80
CA ILE A 73 1.12 19.00 3.72
C ILE A 73 1.47 19.93 4.90
N VAL A 74 0.48 20.63 5.41
CA VAL A 74 0.69 21.52 6.55
C VAL A 74 0.29 20.75 7.82
N LYS B 1 -2.03 -15.33 -15.74
CA LYS B 1 -2.21 -16.64 -16.43
C LYS B 1 -0.99 -17.54 -16.34
N TYR B 2 0.19 -16.93 -16.29
CA TYR B 2 1.40 -17.72 -16.23
C TYR B 2 2.31 -17.60 -15.03
N GLU B 3 3.18 -18.61 -14.97
CA GLU B 3 4.08 -18.78 -13.87
C GLU B 3 5.06 -17.64 -13.71
N LEU B 4 5.34 -16.90 -14.76
CA LEU B 4 6.29 -15.80 -14.61
C LEU B 4 5.63 -14.70 -13.76
N THR B 5 4.36 -14.41 -14.04
CA THR B 5 3.63 -13.42 -13.27
C THR B 5 3.53 -13.89 -11.81
N LEU B 6 3.28 -15.17 -11.61
CA LEU B 6 3.19 -15.71 -10.25
C LEU B 6 4.57 -15.59 -9.59
N GLN B 7 5.61 -15.87 -10.37
CA GLN B 7 6.98 -15.78 -9.88
C GLN B 7 7.28 -14.35 -9.41
N ARG B 8 6.87 -13.37 -10.22
CA ARG B 8 7.09 -11.97 -9.87
C ARG B 8 6.30 -11.50 -8.65
N SER B 9 5.17 -12.14 -8.37
CA SER B 9 4.37 -11.71 -7.23
C SER B 9 4.72 -12.41 -5.93
N LEU B 10 5.61 -13.38 -6.00
CA LEU B 10 6.03 -14.13 -4.82
C LEU B 10 6.45 -13.19 -3.67
N PRO B 11 7.24 -12.15 -3.96
CA PRO B 11 7.66 -11.26 -2.87
C PRO B 11 6.47 -10.56 -2.17
N PHE B 12 5.43 -10.21 -2.92
CA PHE B 12 4.29 -9.56 -2.31
C PHE B 12 3.49 -10.59 -1.51
N ILE B 13 3.43 -11.83 -1.99
CA ILE B 13 2.74 -12.88 -1.26
C ILE B 13 3.48 -13.08 0.09
N GLU B 14 4.81 -13.10 0.03
CA GLU B 14 5.62 -13.26 1.23
C GLU B 14 5.47 -12.06 2.17
N GLY B 15 5.53 -10.85 1.61
CA GLY B 15 5.41 -9.67 2.44
C GLY B 15 4.08 -9.64 3.16
N MET B 16 3.03 -9.92 2.39
CA MET B 16 1.67 -9.91 2.87
C MET B 16 1.50 -10.81 4.07
N LEU B 17 1.86 -12.08 3.87
CA LEU B 17 1.78 -13.09 4.90
C LEU B 17 2.70 -12.77 6.07
N THR B 18 3.82 -12.11 5.79
CA THR B 18 4.75 -11.74 6.85
C THR B 18 4.14 -10.64 7.73
N ASN B 19 3.53 -9.63 7.11
CA ASN B 19 2.91 -8.54 7.86
C ASN B 19 1.60 -8.89 8.58
N LEU B 20 0.73 -9.65 7.89
CA LEU B 20 -0.60 -9.96 8.46
C LEU B 20 -0.83 -11.34 9.07
N GLY B 21 0.13 -12.25 8.89
CA GLY B 21 -0.03 -13.60 9.42
C GLY B 21 -0.75 -14.42 8.35
N ALA B 22 -1.22 -15.61 8.72
CA ALA B 22 -1.91 -16.51 7.80
C ALA B 22 -3.15 -15.88 7.17
N MET B 23 -3.32 -16.08 5.86
CA MET B 23 -4.46 -15.53 5.11
C MET B 23 -5.12 -16.57 4.22
N LYS B 24 -6.41 -16.36 3.96
CA LYS B 24 -7.17 -17.26 3.11
C LYS B 24 -6.94 -16.98 1.65
N LEU B 25 -7.09 -18.02 0.85
CA LEU B 25 -6.86 -17.95 -0.58
C LEU B 25 -7.50 -16.72 -1.26
N HIS B 26 -8.80 -16.53 -1.05
CA HIS B 26 -9.46 -15.40 -1.70
C HIS B 26 -8.94 -14.03 -1.28
N LYS B 27 -8.53 -13.90 -0.01
CA LYS B 27 -7.99 -12.64 0.48
C LYS B 27 -6.60 -12.37 -0.13
N ILE B 28 -5.79 -13.43 -0.25
CA ILE B 28 -4.48 -13.28 -0.87
C ILE B 28 -4.68 -12.83 -2.33
N HIS B 29 -5.66 -13.40 -2.99
CA HIS B 29 -5.94 -13.06 -4.38
C HIS B 29 -6.32 -11.58 -4.53
N SER B 30 -7.27 -11.14 -3.73
CA SER B 30 -7.73 -9.75 -3.80
C SER B 30 -6.61 -8.78 -3.50
N PHE B 31 -5.79 -9.09 -2.50
CA PHE B 31 -4.69 -8.22 -2.11
C PHE B 31 -3.65 -8.11 -3.23
N LEU B 32 -3.38 -9.23 -3.89
CA LEU B 32 -2.44 -9.22 -5.02
C LEU B 32 -3.00 -8.34 -6.15
N LYS B 33 -4.31 -8.37 -6.36
CA LYS B 33 -4.90 -7.56 -7.43
C LYS B 33 -4.58 -6.09 -7.26
N ILE B 34 -4.40 -5.65 -6.02
CA ILE B 34 -4.12 -4.25 -5.80
C ILE B 34 -2.65 -3.93 -5.54
N THR B 35 -1.89 -4.88 -5.00
CA THR B 35 -0.49 -4.61 -4.66
C THR B 35 0.55 -4.91 -5.76
N VAL B 36 0.30 -5.91 -6.59
CA VAL B 36 1.25 -6.25 -7.64
C VAL B 36 1.12 -5.20 -8.75
N PRO B 37 2.22 -4.54 -9.12
CA PRO B 37 2.12 -3.52 -10.18
C PRO B 37 1.37 -4.02 -11.42
N LYS B 38 0.39 -3.23 -11.85
CA LYS B 38 -0.42 -3.58 -13.00
C LYS B 38 0.34 -4.03 -14.23
N ASP B 39 1.50 -3.43 -14.47
CA ASP B 39 2.30 -3.78 -15.64
C ASP B 39 2.78 -5.23 -15.64
N TRP B 40 2.92 -5.82 -14.45
CA TRP B 40 3.41 -7.20 -14.36
C TRP B 40 2.23 -8.09 -14.52
N GLY B 41 1.08 -7.41 -14.57
CA GLY B 41 -0.17 -8.10 -14.70
C GLY B 41 -0.75 -8.44 -13.34
N TYR B 42 -1.06 -9.72 -13.26
CA TYR B 42 -1.70 -10.42 -12.16
C TYR B 42 -3.17 -10.33 -12.46
N ASN B 43 -3.55 -9.26 -13.12
CA ASN B 43 -4.95 -9.05 -13.49
C ASN B 43 -5.51 -10.22 -14.31
N ARG B 44 -4.63 -10.96 -14.98
CA ARG B 44 -5.08 -12.08 -15.79
C ARG B 44 -5.09 -13.41 -15.00
N ILE B 45 -4.51 -13.39 -13.81
CA ILE B 45 -4.46 -14.61 -13.01
C ILE B 45 -5.77 -14.91 -12.32
N THR B 46 -6.16 -16.19 -12.40
CA THR B 46 -7.41 -16.67 -11.81
C THR B 46 -7.13 -17.24 -10.44
N LEU B 47 -8.18 -17.41 -9.65
CA LEU B 47 -7.94 -17.95 -8.34
C LEU B 47 -7.44 -19.40 -8.36
N GLN B 48 -7.80 -20.17 -9.38
CA GLN B 48 -7.34 -21.55 -9.40
C GLN B 48 -5.87 -21.60 -9.80
N GLN B 49 -5.41 -20.59 -10.56
CA GLN B 49 -4.01 -20.55 -10.94
C GLN B 49 -3.23 -20.18 -9.68
N LEU B 50 -3.78 -19.28 -8.87
CA LEU B 50 -3.12 -18.87 -7.63
C LEU B 50 -3.09 -20.06 -6.67
N GLU B 51 -4.23 -20.73 -6.52
CA GLU B 51 -4.32 -21.87 -5.62
C GLU B 51 -3.26 -22.91 -5.97
N GLY B 52 -3.14 -23.24 -7.26
CA GLY B 52 -2.12 -24.19 -7.67
C GLY B 52 -0.72 -23.73 -7.29
N TYR B 53 -0.45 -22.45 -7.49
CA TYR B 53 0.86 -21.90 -7.17
C TYR B 53 1.18 -21.99 -5.67
N LEU B 54 0.24 -21.55 -4.86
CA LEU B 54 0.38 -21.60 -3.41
C LEU B 54 0.59 -23.01 -2.89
N ASN B 55 -0.10 -23.99 -3.48
CA ASN B 55 0.03 -25.37 -3.05
C ASN B 55 1.43 -25.90 -3.39
N THR B 56 1.97 -25.44 -4.50
CA THR B 56 3.31 -25.82 -4.93
C THR B 56 4.32 -25.25 -3.91
N LEU B 57 4.09 -24.00 -3.48
CA LEU B 57 4.98 -23.38 -2.51
C LEU B 57 4.84 -24.13 -1.20
N ALA B 58 3.63 -24.59 -0.90
CA ALA B 58 3.39 -25.32 0.34
C ALA B 58 4.14 -26.66 0.27
N ASP B 59 4.05 -27.31 -0.89
CA ASP B 59 4.71 -28.59 -1.15
C ASP B 59 6.21 -28.44 -0.90
N GLU B 60 6.77 -27.34 -1.38
CA GLU B 60 8.17 -27.10 -1.09
C GLU B 60 7.99 -26.76 0.40
N GLY B 61 8.95 -26.16 1.07
CA GLY B 61 8.70 -25.88 2.47
C GLY B 61 8.51 -24.41 2.72
N ARG B 62 8.26 -23.66 1.65
CA ARG B 62 8.11 -22.21 1.69
C ARG B 62 6.89 -21.64 2.41
N LEU B 63 5.76 -22.33 2.28
CA LEU B 63 4.53 -21.92 2.95
C LEU B 63 3.98 -23.13 3.68
N LYS B 64 3.14 -22.87 4.68
CA LYS B 64 2.50 -23.92 5.45
C LYS B 64 1.01 -23.72 5.25
N TYR B 65 0.32 -24.74 4.75
CA TYR B 65 -1.11 -24.62 4.53
C TYR B 65 -1.81 -24.22 5.82
N ILE B 66 -2.25 -25.19 6.62
CA ILE B 66 -2.97 -24.90 7.87
C ILE B 66 -4.46 -25.13 7.68
N ALA B 67 -4.93 -26.25 8.24
CA ALA B 67 -6.34 -26.67 8.17
C ALA B 67 -7.35 -25.53 8.18
N ASN B 68 -8.48 -25.77 7.53
CA ASN B 68 -9.58 -24.81 7.44
C ASN B 68 -9.46 -23.84 6.27
N GLY B 69 -8.26 -23.72 5.71
CA GLY B 69 -8.10 -22.87 4.54
C GLY B 69 -7.16 -21.68 4.47
N SER B 70 -6.12 -21.59 5.28
CA SER B 70 -5.25 -20.43 5.18
C SER B 70 -3.79 -20.79 4.91
N TYR B 71 -3.02 -19.84 4.38
CA TYR B 71 -1.61 -20.09 4.12
C TYR B 71 -0.75 -19.19 4.98
N GLU B 72 0.23 -19.81 5.63
CA GLU B 72 1.13 -19.08 6.51
C GLU B 72 2.56 -19.19 5.99
N ILE B 73 3.34 -18.15 6.17
CA ILE B 73 4.69 -18.23 5.67
C ILE B 73 5.60 -18.96 6.67
N VAL B 74 6.54 -19.72 6.14
CA VAL B 74 7.49 -20.48 6.97
C VAL B 74 8.75 -19.62 7.14
N LYS C 1 -5.40 5.51 20.69
CA LYS C 1 -6.13 5.61 21.99
C LYS C 1 -7.43 6.37 21.88
N TYR C 2 -7.45 7.38 21.01
CA TYR C 2 -8.66 8.16 20.87
C TYR C 2 -9.43 8.06 19.60
N GLU C 3 -10.61 8.67 19.65
CA GLU C 3 -11.52 8.63 18.54
C GLU C 3 -11.07 9.46 17.35
N LEU C 4 -10.33 10.55 17.58
CA LEU C 4 -9.87 11.32 16.42
C LEU C 4 -8.95 10.41 15.60
N THR C 5 -8.11 9.61 16.27
CA THR C 5 -7.24 8.72 15.51
C THR C 5 -8.08 7.70 14.75
N LEU C 6 -9.10 7.17 15.43
CA LEU C 6 -10.00 6.19 14.81
C LEU C 6 -10.76 6.84 13.69
N GLN C 7 -11.13 8.10 13.89
CA GLN C 7 -11.87 8.86 12.88
C GLN C 7 -11.03 9.05 11.63
N ARG C 8 -9.75 9.35 11.85
CA ARG C 8 -8.79 9.56 10.78
C ARG C 8 -8.49 8.27 10.01
N SER C 9 -8.70 7.12 10.64
CA SER C 9 -8.39 5.87 9.97
C SER C 9 -9.61 5.21 9.36
N LEU C 10 -10.76 5.85 9.51
CA LEU C 10 -11.99 5.32 8.96
C LEU C 10 -11.83 5.05 7.45
N PRO C 11 -11.22 5.97 6.69
CA PRO C 11 -11.05 5.73 5.25
C PRO C 11 -10.22 4.49 4.87
N PHE C 12 -9.24 4.16 5.68
CA PHE C 12 -8.42 2.99 5.40
C PHE C 12 -9.19 1.74 5.80
N ILE C 13 -10.02 1.86 6.84
CA ILE C 13 -10.85 0.74 7.23
C ILE C 13 -11.81 0.46 6.08
N GLU C 14 -12.45 1.51 5.58
CA GLU C 14 -13.38 1.35 4.46
C GLU C 14 -12.69 0.81 3.20
N GLY C 15 -11.56 1.39 2.82
CA GLY C 15 -10.85 0.93 1.63
C GLY C 15 -10.44 -0.54 1.71
N MET C 16 -9.93 -0.91 2.88
CA MET C 16 -9.48 -2.26 3.18
C MET C 16 -10.63 -3.23 2.92
N LEU C 17 -11.77 -2.97 3.57
CA LEU C 17 -12.93 -3.83 3.43
C LEU C 17 -13.51 -3.80 2.03
N THR C 18 -13.32 -2.68 1.33
CA THR C 18 -13.80 -2.56 -0.03
C THR C 18 -12.93 -3.38 -0.99
N ASN C 19 -11.62 -3.31 -0.83
CA ASN C 19 -10.71 -4.08 -1.66
C ASN C 19 -10.68 -5.57 -1.36
N LEU C 20 -10.68 -5.94 -0.08
CA LEU C 20 -10.56 -7.35 0.29
C LEU C 20 -11.80 -8.13 0.71
N GLY C 21 -12.92 -7.44 0.91
CA GLY C 21 -14.12 -8.13 1.33
C GLY C 21 -14.11 -8.18 2.85
N ALA C 22 -15.00 -8.98 3.45
CA ALA C 22 -15.11 -9.09 4.91
C ALA C 22 -13.82 -9.53 5.61
N MET C 23 -13.50 -8.87 6.72
CA MET C 23 -12.29 -9.19 7.46
C MET C 23 -12.48 -9.36 8.95
N LYS C 24 -11.59 -10.13 9.56
CA LYS C 24 -11.71 -10.34 10.99
C LYS C 24 -11.03 -9.23 11.73
N LEU C 25 -11.54 -9.00 12.93
CA LEU C 25 -11.07 -7.96 13.81
C LEU C 25 -9.55 -7.88 13.87
N HIS C 26 -8.89 -8.99 14.19
CA HIS C 26 -7.43 -8.95 14.31
C HIS C 26 -6.65 -8.64 13.03
N LYS C 27 -7.21 -9.02 11.88
CA LYS C 27 -6.55 -8.74 10.60
C LYS C 27 -6.72 -7.26 10.28
N ILE C 28 -7.89 -6.71 10.58
CA ILE C 28 -8.13 -5.29 10.34
C ILE C 28 -7.13 -4.51 11.18
N HIS C 29 -6.97 -4.93 12.45
CA HIS C 29 -6.05 -4.25 13.37
C HIS C 29 -4.61 -4.29 12.86
N SER C 30 -4.17 -5.47 12.47
CA SER C 30 -2.82 -5.63 11.97
C SER C 30 -2.61 -4.76 10.73
N PHE C 31 -3.58 -4.77 9.81
CA PHE C 31 -3.48 -4.00 8.57
C PHE C 31 -3.43 -2.50 8.84
N LEU C 32 -4.27 -2.02 9.78
CA LEU C 32 -4.25 -0.59 10.11
C LEU C 32 -2.88 -0.16 10.65
N LYS C 33 -2.23 -1.05 11.40
CA LYS C 33 -0.90 -0.73 11.95
C LYS C 33 0.08 -0.34 10.86
N ILE C 34 -0.03 -0.98 9.70
CA ILE C 34 0.89 -0.68 8.62
C ILE C 34 0.39 0.32 7.59
N THR C 35 -0.92 0.41 7.38
CA THR C 35 -1.44 1.32 6.36
C THR C 35 -1.75 2.76 6.82
N VAL C 36 -2.14 2.93 8.08
CA VAL C 36 -2.41 4.29 8.54
C VAL C 36 -1.07 4.98 8.72
N PRO C 37 -0.89 6.17 8.11
CA PRO C 37 0.41 6.84 8.28
C PRO C 37 0.79 6.95 9.76
N LYS C 38 2.03 6.57 10.07
CA LYS C 38 2.54 6.57 11.45
C LYS C 38 2.30 7.83 12.25
N ASP C 39 2.36 8.98 11.57
CA ASP C 39 2.18 10.27 12.23
C ASP C 39 0.78 10.47 12.81
N TRP C 40 -0.21 9.76 12.26
CA TRP C 40 -1.56 9.91 12.74
C TRP C 40 -1.72 8.94 13.88
N GLY C 41 -0.65 8.18 14.07
CA GLY C 41 -0.62 7.19 15.10
C GLY C 41 -1.21 5.89 14.62
N TYR C 42 -2.13 5.44 15.45
CA TYR C 42 -2.88 4.19 15.35
C TYR C 42 -2.08 3.21 16.16
N ASN C 43 -0.78 3.40 16.17
CA ASN C 43 0.14 2.55 16.92
C ASN C 43 -0.27 2.50 18.39
N ARG C 44 -1.00 3.52 18.85
CA ARG C 44 -1.42 3.57 20.24
C ARG C 44 -2.77 2.91 20.50
N ILE C 45 -3.51 2.61 19.43
CA ILE C 45 -4.83 2.01 19.55
C ILE C 45 -4.79 0.52 19.90
N THR C 46 -5.64 0.13 20.85
CA THR C 46 -5.71 -1.26 21.31
C THR C 46 -6.80 -1.98 20.54
N LEU C 47 -6.83 -3.30 20.59
CA LEU C 47 -7.86 -3.97 19.83
C LEU C 47 -9.24 -3.76 20.41
N GLN C 48 -9.34 -3.45 21.70
CA GLN C 48 -10.68 -3.24 22.23
C GLN C 48 -11.23 -1.87 21.84
N GLN C 49 -10.34 -0.91 21.61
CA GLN C 49 -10.79 0.42 21.18
C GLN C 49 -11.27 0.24 19.73
N LEU C 50 -10.54 -0.56 18.96
CA LEU C 50 -10.94 -0.78 17.57
C LEU C 50 -12.28 -1.51 17.51
N GLU C 51 -12.43 -2.55 18.32
CA GLU C 51 -13.66 -3.31 18.30
C GLU C 51 -14.85 -2.44 18.64
N GLY C 52 -14.66 -1.55 19.62
CA GLY C 52 -15.73 -0.66 20.02
C GLY C 52 -16.08 0.28 18.87
N TYR C 53 -15.06 0.76 18.17
CA TYR C 53 -15.29 1.66 17.05
C TYR C 53 -16.00 0.95 15.89
N LEU C 54 -15.56 -0.26 15.56
CA LEU C 54 -16.18 -1.00 14.46
C LEU C 54 -17.65 -1.33 14.76
N ASN C 55 -17.96 -1.62 16.02
CA ASN C 55 -19.34 -1.92 16.41
C ASN C 55 -20.19 -0.66 16.31
N THR C 56 -19.58 0.50 16.56
CA THR C 56 -20.32 1.77 16.45
C THR C 56 -20.64 1.97 14.96
N LEU C 57 -19.68 1.67 14.09
CA LEU C 57 -19.93 1.81 12.66
C LEU C 57 -20.99 0.79 12.23
N ALA C 58 -20.95 -0.42 12.79
CA ALA C 58 -21.93 -1.43 12.45
C ALA C 58 -23.32 -0.97 12.95
N ASP C 59 -23.36 -0.35 14.12
CA ASP C 59 -24.62 0.11 14.70
C ASP C 59 -25.24 1.16 13.81
N GLU C 60 -24.40 2.02 13.26
CA GLU C 60 -24.92 2.97 12.31
C GLU C 60 -25.08 1.95 11.17
N GLY C 61 -25.22 2.36 9.93
CA GLY C 61 -25.39 1.34 8.91
C GLY C 61 -24.21 1.21 7.96
N ARG C 62 -23.07 1.71 8.41
CA ARG C 62 -21.85 1.73 7.64
C ARG C 62 -21.21 0.36 7.44
N LEU C 63 -21.24 -0.47 8.48
CA LEU C 63 -20.66 -1.82 8.38
C LEU C 63 -21.68 -2.88 8.76
N LYS C 64 -21.42 -4.11 8.33
CA LYS C 64 -22.29 -5.23 8.63
C LYS C 64 -21.44 -6.24 9.39
N TYR C 65 -21.83 -6.53 10.62
CA TYR C 65 -21.03 -7.47 11.38
C TYR C 65 -20.86 -8.74 10.57
N ILE C 66 -21.73 -9.72 10.77
CA ILE C 66 -21.68 -10.99 10.05
C ILE C 66 -21.14 -12.10 10.94
N ALA C 67 -22.07 -12.92 11.40
CA ALA C 67 -21.78 -14.05 12.29
C ALA C 67 -20.42 -14.66 12.10
N ASN C 68 -19.87 -15.17 13.20
CA ASN C 68 -18.57 -15.82 13.22
C ASN C 68 -17.38 -14.88 13.43
N GLY C 69 -17.59 -13.57 13.31
CA GLY C 69 -16.48 -12.65 13.55
C GLY C 69 -15.92 -11.74 12.48
N SER C 70 -16.65 -11.49 11.39
CA SER C 70 -16.04 -10.61 10.40
C SER C 70 -16.84 -9.34 10.12
N TYR C 71 -16.17 -8.25 9.74
CA TYR C 71 -16.91 -7.04 9.41
C TYR C 71 -16.84 -6.85 7.90
N GLU C 72 -17.97 -6.52 7.29
CA GLU C 72 -18.04 -6.30 5.85
C GLU C 72 -18.61 -4.89 5.65
N ILE C 73 -18.21 -4.23 4.56
CA ILE C 73 -18.71 -2.89 4.34
C ILE C 73 -20.07 -2.92 3.65
N VAL C 74 -20.91 -1.95 4.00
CA VAL C 74 -22.23 -1.80 3.42
C VAL C 74 -22.10 -0.78 2.29
N LYS D 1 20.81 -1.99 7.07
CA LYS D 1 22.29 -1.87 7.18
C LYS D 1 23.04 -2.76 6.19
N TYR D 2 22.49 -3.94 5.90
CA TYR D 2 23.14 -4.85 4.99
C TYR D 2 22.45 -5.13 3.66
N GLU D 3 23.25 -5.69 2.77
CA GLU D 3 22.81 -5.97 1.44
C GLU D 3 21.70 -7.01 1.38
N LEU D 4 21.68 -7.96 2.31
CA LEU D 4 20.60 -8.95 2.28
C LEU D 4 19.24 -8.20 2.37
N THR D 5 19.16 -7.19 3.23
CA THR D 5 17.91 -6.43 3.37
C THR D 5 17.60 -5.66 2.09
N LEU D 6 18.64 -5.10 1.48
CA LEU D 6 18.48 -4.34 0.24
C LEU D 6 18.07 -5.28 -0.89
N GLN D 7 18.60 -6.50 -0.82
CA GLN D 7 18.30 -7.54 -1.81
C GLN D 7 16.82 -7.92 -1.71
N ARG D 8 16.33 -8.01 -0.49
CA ARG D 8 14.94 -8.34 -0.23
C ARG D 8 13.97 -7.23 -0.61
N SER D 9 14.46 -5.99 -0.69
CA SER D 9 13.60 -4.87 -1.02
C SER D 9 13.65 -4.50 -2.50
N LEU D 10 14.45 -5.23 -3.26
CA LEU D 10 14.59 -4.97 -4.69
C LEU D 10 13.22 -5.01 -5.37
N PRO D 11 12.41 -6.05 -5.10
CA PRO D 11 11.08 -6.14 -5.73
C PRO D 11 10.19 -4.93 -5.45
N PHE D 12 10.29 -4.36 -4.25
CA PHE D 12 9.48 -3.20 -3.95
C PHE D 12 10.04 -1.97 -4.68
N ILE D 13 11.36 -1.90 -4.82
CA ILE D 13 12.00 -0.80 -5.52
C ILE D 13 11.55 -0.86 -7.00
N GLU D 14 11.57 -2.07 -7.55
CA GLU D 14 11.15 -2.25 -8.93
C GLU D 14 9.67 -1.92 -9.13
N GLY D 15 8.82 -2.38 -8.21
CA GLY D 15 7.39 -2.15 -8.33
C GLY D 15 7.08 -0.67 -8.31
N MET D 16 7.63 0.00 -7.33
CA MET D 16 7.49 1.43 -7.11
C MET D 16 7.81 2.22 -8.38
N LEU D 17 9.02 2.00 -8.91
CA LEU D 17 9.45 2.68 -10.12
C LEU D 17 8.58 2.27 -11.30
N THR D 18 8.07 1.03 -11.29
CA THR D 18 7.23 0.60 -12.40
C THR D 18 5.87 1.31 -12.35
N ASN D 19 5.26 1.41 -11.17
CA ASN D 19 3.98 2.07 -11.04
C ASN D 19 4.03 3.58 -11.17
N LEU D 20 5.08 4.19 -10.61
CA LEU D 20 5.17 5.65 -10.61
C LEU D 20 6.13 6.32 -11.58
N GLY D 21 7.01 5.55 -12.21
CA GLY D 21 7.97 6.15 -13.10
C GLY D 21 9.20 6.55 -12.30
N ALA D 22 10.09 7.33 -12.90
CA ALA D 22 11.32 7.75 -12.21
C ALA D 22 11.09 8.43 -10.87
N MET D 23 11.91 8.08 -9.89
CA MET D 23 11.79 8.67 -8.56
C MET D 23 13.11 9.14 -8.00
N LYS D 24 13.06 10.13 -7.12
CA LYS D 24 14.29 10.63 -6.52
C LYS D 24 14.70 9.79 -5.33
N LEU D 25 16.01 9.75 -5.10
CA LEU D 25 16.58 8.98 -3.99
C LEU D 25 15.79 9.05 -2.69
N HIS D 26 15.59 10.27 -2.16
CA HIS D 26 14.89 10.41 -0.89
C HIS D 26 13.47 9.88 -0.87
N LYS D 27 12.77 9.97 -2.01
CA LYS D 27 11.39 9.49 -2.09
C LYS D 27 11.41 7.96 -2.09
N ILE D 28 12.37 7.38 -2.79
CA ILE D 28 12.49 5.93 -2.81
C ILE D 28 12.69 5.43 -1.38
N HIS D 29 13.58 6.11 -0.66
CA HIS D 29 13.90 5.76 0.72
C HIS D 29 12.66 5.82 1.63
N SER D 30 11.92 6.92 1.55
CA SER D 30 10.73 7.08 2.38
C SER D 30 9.68 6.03 2.05
N PHE D 31 9.53 5.71 0.76
CA PHE D 31 8.56 4.72 0.35
C PHE D 31 8.91 3.32 0.83
N LEU D 32 10.20 2.97 0.76
CA LEU D 32 10.64 1.66 1.22
C LEU D 32 10.37 1.53 2.73
N LYS D 33 10.51 2.63 3.45
CA LYS D 33 10.26 2.62 4.89
C LYS D 33 8.84 2.18 5.24
N ILE D 34 7.87 2.47 4.37
CA ILE D 34 6.51 2.08 4.70
C ILE D 34 6.07 0.80 4.02
N THR D 35 6.65 0.50 2.86
CA THR D 35 6.27 -0.67 2.09
C THR D 35 7.02 -1.97 2.41
N VAL D 36 8.31 -1.90 2.68
CA VAL D 36 9.02 -3.14 2.98
C VAL D 36 8.53 -3.63 4.34
N PRO D 37 8.09 -4.90 4.43
CA PRO D 37 7.62 -5.42 5.72
C PRO D 37 8.63 -5.20 6.86
N LYS D 38 8.14 -4.64 7.96
CA LYS D 38 8.99 -4.29 9.09
C LYS D 38 9.93 -5.39 9.56
N ASP D 39 9.48 -6.63 9.42
CA ASP D 39 10.25 -7.78 9.86
C ASP D 39 11.52 -8.04 9.06
N TRP D 40 11.57 -7.55 7.82
CA TRP D 40 12.74 -7.75 6.98
C TRP D 40 13.64 -6.59 7.24
N GLY D 41 13.13 -5.69 8.07
CA GLY D 41 13.88 -4.51 8.40
C GLY D 41 13.59 -3.35 7.48
N TYR D 42 14.71 -2.81 6.99
CA TYR D 42 14.83 -1.64 6.13
C TYR D 42 14.93 -0.45 7.07
N ASN D 43 14.24 -0.57 8.19
CA ASN D 43 14.25 0.53 9.15
C ASN D 43 15.70 0.87 9.54
N ARG D 44 16.59 -0.12 9.43
CA ARG D 44 17.99 0.12 9.80
C ARG D 44 18.84 0.71 8.69
N ILE D 45 18.34 0.67 7.45
CA ILE D 45 19.08 1.21 6.31
C ILE D 45 19.14 2.73 6.24
N THR D 46 20.33 3.26 5.96
CA THR D 46 20.52 4.70 5.85
C THR D 46 20.42 5.06 4.38
N LEU D 47 20.23 6.34 4.09
CA LEU D 47 20.11 6.73 2.70
C LEU D 47 21.39 6.56 1.90
N GLN D 48 22.56 6.61 2.54
CA GLN D 48 23.77 6.45 1.76
C GLN D 48 23.92 4.99 1.38
N GLN D 49 23.41 4.08 2.21
CA GLN D 49 23.49 2.67 1.87
C GLN D 49 22.56 2.43 0.67
N LEU D 50 21.37 3.03 0.69
CA LEU D 50 20.44 2.86 -0.43
C LEU D 50 21.05 3.41 -1.71
N GLU D 51 21.55 4.64 -1.64
CA GLU D 51 22.17 5.30 -2.79
C GLU D 51 23.26 4.41 -3.40
N GLY D 52 24.08 3.80 -2.55
CA GLY D 52 25.14 2.94 -3.03
C GLY D 52 24.60 1.75 -3.78
N TYR D 53 23.52 1.17 -3.25
CA TYR D 53 22.86 0.02 -3.84
C TYR D 53 22.22 0.40 -5.17
N LEU D 54 21.48 1.52 -5.19
CA LEU D 54 20.85 1.98 -6.43
C LEU D 54 21.88 2.29 -7.50
N ASN D 55 23.02 2.83 -7.11
CA ASN D 55 24.05 3.14 -8.08
C ASN D 55 24.67 1.86 -8.64
N THR D 56 24.71 0.79 -7.85
CA THR D 56 25.24 -0.50 -8.29
C THR D 56 24.25 -1.11 -9.28
N LEU D 57 22.96 -0.95 -9.02
CA LEU D 57 21.95 -1.46 -9.95
C LEU D 57 22.07 -0.63 -11.23
N ALA D 58 22.28 0.67 -11.11
CA ALA D 58 22.39 1.52 -12.29
C ALA D 58 23.62 1.12 -13.11
N ASP D 59 24.70 0.82 -12.40
CA ASP D 59 25.95 0.37 -13.01
C ASP D 59 25.72 -0.85 -13.88
N GLU D 60 25.03 -1.84 -13.33
CA GLU D 60 24.66 -3.04 -14.06
C GLU D 60 23.66 -2.36 -15.00
N GLY D 61 22.76 -3.08 -15.64
CA GLY D 61 21.85 -2.32 -16.49
C GLY D 61 20.43 -2.40 -15.96
N ARG D 62 20.29 -2.64 -14.66
CA ARG D 62 18.96 -2.83 -14.07
C ARG D 62 18.15 -1.57 -13.83
N LEU D 63 18.85 -0.45 -13.60
CA LEU D 63 18.19 0.82 -13.42
C LEU D 63 18.91 1.86 -14.27
N LYS D 64 18.20 2.94 -14.60
CA LYS D 64 18.82 3.99 -15.37
C LYS D 64 18.87 5.20 -14.43
N TYR D 65 20.06 5.78 -14.23
CA TYR D 65 20.12 6.93 -13.34
C TYR D 65 19.24 8.06 -13.85
N ILE D 66 19.75 8.91 -14.75
CA ILE D 66 18.96 10.05 -15.27
C ILE D 66 19.30 11.37 -14.57
N ALA D 67 20.03 12.21 -15.29
CA ALA D 67 20.48 13.52 -14.82
C ALA D 67 19.48 14.23 -13.91
N ASN D 68 20.03 15.04 -12.99
CA ASN D 68 19.24 15.81 -12.04
C ASN D 68 18.91 15.07 -10.75
N GLY D 69 19.00 13.75 -10.76
CA GLY D 69 18.77 12.98 -9.53
C GLY D 69 17.73 11.88 -9.36
N SER D 70 17.19 11.33 -10.44
CA SER D 70 16.18 10.28 -10.31
C SER D 70 16.61 8.94 -10.88
N TYR D 71 15.95 7.87 -10.43
CA TYR D 71 16.23 6.52 -10.92
C TYR D 71 15.01 5.96 -11.61
N GLU D 72 15.22 5.40 -12.80
CA GLU D 72 14.14 4.84 -13.56
C GLU D 72 14.39 3.35 -13.81
N ILE D 73 13.33 2.59 -13.93
CA ILE D 73 13.57 1.19 -14.16
C ILE D 73 13.78 0.92 -15.65
N VAL D 74 14.64 -0.05 -15.94
CA VAL D 74 14.95 -0.41 -17.33
C VAL D 74 14.04 -1.58 -17.68
#